data_1U6Q
#
_entry.id   1U6Q
#
_cell.length_a   55.16
_cell.length_b   53.00
_cell.length_c   82.3
_cell.angle_alpha   90
_cell.angle_beta   90
_cell.angle_gamma   90
#
_symmetry.space_group_name_H-M   'P 21 21 21'
#
loop_
_entity.id
_entity.type
_entity.pdbx_description
1 polymer 'Urokinase-type plasminogen activator'
2 non-polymer TRANS-6-(2-PHENYLCYCLOPROPYL)-NAPHTHALENE-2-CARBOXAMIDINE
#
_entity_poly.entity_id   1
_entity_poly.type   'polypeptide(L)'
_entity_poly.pdbx_seq_one_letter_code
;IIGGEFTTIENQPWFAAIYRRHRGGSVTYVCGGSLMSPCWVISATHCFIDYPKKEDYIVYLGRSRLNSNTQGEMKFEVEN
LILHKDYSADTLAHHNDIALLKIRSKEGRCAQPSRTIQTICLPSMYNDPQFGTSCEITGFGKENSTDYLYPEQLKMTVVK
LISHRECQQPHYYGSEVTTKMLCAADPQWKTDSCQGDSGGPLVCSLQGRMTLTGIVSWGRGCALKDKPGVYTRVSHFLPW
IRSHT
;
_entity_poly.pdbx_strand_id   A
#
loop_
_chem_comp.id
_chem_comp.type
_chem_comp.name
_chem_comp.formula
745 non-polymer TRANS-6-(2-PHENYLCYCLOPROPYL)-NAPHTHALENE-2-CARBOXAMIDINE 'C20 H18 N2'
#
# COMPACT_ATOMS: atom_id res chain seq x y z
N ILE A 1 7.23 3.47 8.15
CA ILE A 1 8.57 3.17 7.54
C ILE A 1 9.71 3.31 8.57
N ILE A 2 10.45 2.23 8.78
CA ILE A 2 11.59 2.24 9.71
C ILE A 2 12.77 2.81 8.89
N GLY A 3 13.53 3.72 9.47
CA GLY A 3 14.64 4.31 8.74
C GLY A 3 14.09 5.13 7.57
N GLY A 4 14.83 5.24 6.48
CA GLY A 4 14.33 6.01 5.35
C GLY A 4 14.53 7.51 5.46
N GLU A 5 13.71 8.26 4.74
CA GLU A 5 13.80 9.73 4.72
C GLU A 5 12.43 10.35 4.73
N PHE A 6 12.28 11.50 5.39
CA PHE A 6 11.00 12.17 5.35
C PHE A 6 10.90 12.66 3.91
N THR A 7 9.68 12.78 3.41
CA THR A 7 9.43 13.22 2.04
C THR A 7 8.11 14.01 2.01
N THR A 8 7.70 14.49 0.83
CA THR A 8 6.43 15.23 0.71
C THR A 8 5.63 14.61 -0.43
N ILE A 9 4.34 14.94 -0.53
CA ILE A 9 3.47 14.35 -1.54
C ILE A 9 3.86 14.58 -3.00
N GLU A 10 4.53 15.68 -3.32
CA GLU A 10 4.91 15.88 -4.72
C GLU A 10 5.84 14.76 -5.19
N ASN A 11 6.52 14.11 -4.24
CA ASN A 11 7.41 12.97 -4.55
C ASN A 11 6.62 11.65 -4.68
N GLN A 12 5.36 11.63 -4.21
CA GLN A 12 4.50 10.44 -4.29
C GLN A 12 3.05 10.87 -4.63
N PRO A 13 2.81 11.48 -5.81
CA PRO A 13 1.48 11.95 -6.24
C PRO A 13 0.30 10.98 -6.30
N TRP A 14 0.57 9.68 -6.39
CA TRP A 14 -0.48 8.65 -6.46
C TRP A 14 -0.79 8.01 -5.10
N PHE A 15 -0.10 8.47 -4.06
CA PHE A 15 -0.32 7.93 -2.72
C PHE A 15 -1.59 8.48 -2.10
N ALA A 16 -2.45 7.55 -1.67
CA ALA A 16 -3.73 7.88 -1.05
C ALA A 16 -3.63 7.60 0.44
N ALA A 17 -4.11 8.54 1.26
CA ALA A 17 -4.09 8.37 2.71
C ALA A 17 -5.53 8.13 3.15
N ILE A 18 -5.78 6.96 3.74
CA ILE A 18 -7.13 6.58 4.14
C ILE A 18 -7.33 6.61 5.65
N TYR A 19 -8.40 7.31 6.07
CA TYR A 19 -8.77 7.44 7.49
C TYR A 19 -10.15 6.83 7.73
N ARG A 20 -10.56 6.78 8.99
CA ARG A 20 -11.86 6.24 9.33
C ARG A 20 -12.55 7.03 10.45
N ARG A 21 -13.80 7.40 10.19
CA ARG A 21 -14.65 8.16 11.12
C ARG A 21 -15.16 7.22 12.20
N HIS A 22 -14.95 7.57 13.46
CA HIS A 22 -15.43 6.75 14.56
C HIS A 22 -16.69 7.35 15.13
N ARG A 23 -17.54 6.50 15.70
CA ARG A 23 -18.77 6.93 16.35
C ARG A 23 -18.31 7.96 17.37
N GLY A 24 -18.78 9.20 17.24
CA GLY A 24 -18.37 10.23 18.18
C GLY A 24 -17.73 11.41 17.48
N GLY A 25 -17.05 11.16 16.37
CA GLY A 25 -16.41 12.24 15.63
C GLY A 25 -14.91 12.13 15.42
N SER A 26 -14.23 11.35 16.27
CA SER A 26 -12.78 11.18 16.17
C SER A 26 -12.40 10.46 14.89
N VAL A 27 -11.24 10.82 14.35
CA VAL A 27 -10.74 10.21 13.11
C VAL A 27 -9.30 9.75 13.28
N THR A 28 -9.06 8.50 12.93
CA THR A 28 -7.73 7.92 13.04
C THR A 28 -7.28 7.39 11.70
N TYR A 29 -5.97 7.39 11.47
CA TYR A 29 -5.40 6.91 10.22
C TYR A 29 -5.50 5.39 10.12
N VAL A 30 -5.86 4.89 8.94
CA VAL A 30 -6.02 3.45 8.71
C VAL A 30 -4.90 2.79 7.91
N CYS A 31 -4.86 3.08 6.61
CA CYS A 31 -3.87 2.52 5.71
C CYS A 31 -3.64 3.46 4.52
N GLY A 32 -2.67 3.10 3.69
CA GLY A 32 -2.40 3.89 2.50
C GLY A 32 -3.06 3.16 1.34
N GLY A 33 -2.91 3.72 0.15
CA GLY A 33 -3.50 3.12 -1.04
C GLY A 33 -2.84 3.81 -2.21
N SER A 34 -3.26 3.45 -3.43
CA SER A 34 -2.69 4.07 -4.63
C SER A 34 -3.77 4.33 -5.68
N LEU A 35 -3.63 5.46 -6.37
CA LEU A 35 -4.58 5.88 -7.41
C LEU A 35 -4.34 5.15 -8.74
N MET A 36 -5.34 4.37 -9.16
CA MET A 36 -5.31 3.55 -10.39
C MET A 36 -5.88 4.25 -11.63
N SER A 37 -6.94 5.02 -11.40
CA SER A 37 -7.63 5.78 -12.42
C SER A 37 -8.31 6.87 -11.60
N PRO A 38 -8.76 7.94 -12.25
CA PRO A 38 -9.42 9.03 -11.51
C PRO A 38 -10.48 8.62 -10.48
N CYS A 39 -11.23 7.56 -10.77
CA CYS A 39 -12.28 7.10 -9.89
C CYS A 39 -11.87 5.91 -9.00
N TRP A 40 -10.70 5.33 -9.21
CA TRP A 40 -10.33 4.17 -8.43
C TRP A 40 -9.01 4.17 -7.66
N VAL A 41 -9.07 3.66 -6.43
CA VAL A 41 -7.91 3.53 -5.54
C VAL A 41 -7.84 2.06 -5.17
N ILE A 42 -6.64 1.50 -5.17
CA ILE A 42 -6.46 0.09 -4.84
C ILE A 42 -5.65 0.01 -3.53
N SER A 43 -5.99 -0.94 -2.67
CA SER A 43 -5.34 -1.11 -1.38
C SER A 43 -5.37 -2.58 -1.00
N ALA A 44 -5.31 -2.86 0.31
CA ALA A 44 -5.33 -4.22 0.83
C ALA A 44 -6.65 -4.52 1.56
N THR A 45 -7.21 -5.70 1.28
CA THR A 45 -8.45 -6.10 1.94
C THR A 45 -8.34 -6.16 3.47
N HIS A 46 -7.20 -6.58 4.02
CA HIS A 46 -7.10 -6.68 5.49
C HIS A 46 -7.27 -5.36 6.24
N CYS A 47 -7.17 -4.25 5.53
CA CYS A 47 -7.33 -2.91 6.10
C CYS A 47 -8.81 -2.55 6.33
N PHE A 48 -9.72 -3.30 5.72
CA PHE A 48 -11.16 -2.99 5.81
C PHE A 48 -12.10 -4.12 6.19
N ILE A 49 -11.65 -5.37 6.05
CA ILE A 49 -12.46 -6.55 6.32
C ILE A 49 -13.27 -6.55 7.63
N ASP A 50 -12.73 -5.97 8.70
CA ASP A 50 -13.43 -5.93 10.00
C ASP A 50 -14.38 -4.73 10.19
N TYR A 51 -14.40 -3.80 9.23
CA TYR A 51 -15.29 -2.63 9.29
C TYR A 51 -15.63 -2.32 7.83
N PRO A 52 -16.38 -3.22 7.17
CA PRO A 52 -16.81 -3.14 5.77
C PRO A 52 -17.77 -2.04 5.33
N LYS A 53 -18.22 -1.18 6.24
CA LYS A 53 -19.16 -0.11 5.87
C LYS A 53 -18.43 0.98 5.11
N LYS A 54 -18.78 1.16 3.84
CA LYS A 54 -18.09 2.15 3.03
C LYS A 54 -18.23 3.60 3.51
N GLU A 55 -19.32 3.89 4.22
CA GLU A 55 -19.55 5.25 4.73
C GLU A 55 -18.53 5.82 5.74
N ASP A 56 -17.89 4.97 6.54
CA ASP A 56 -16.95 5.45 7.55
C ASP A 56 -15.58 5.90 7.05
N TYR A 57 -15.25 5.64 5.79
CA TYR A 57 -13.93 5.98 5.29
C TYR A 57 -13.76 7.33 4.60
N ILE A 58 -12.62 7.96 4.87
CA ILE A 58 -12.25 9.25 4.30
C ILE A 58 -10.95 9.00 3.53
N VAL A 59 -10.87 9.49 2.30
CA VAL A 59 -9.67 9.30 1.49
C VAL A 59 -9.09 10.62 1.04
N TYR A 60 -7.79 10.82 1.25
CA TYR A 60 -7.14 12.03 0.82
C TYR A 60 -6.11 11.77 -0.26
N LEU A 61 -6.02 12.71 -1.19
CA LEU A 61 -5.04 12.65 -2.25
C LEU A 61 -4.27 13.97 -2.12
N GLY A 62 -2.97 13.94 -2.41
CA GLY A 62 -2.17 15.16 -2.33
C GLY A 62 -1.97 15.71 -0.93
N ARG A 63 -1.99 14.84 0.07
CA ARG A 63 -1.80 15.21 1.47
C ARG A 63 -0.39 14.78 1.94
N SER A 64 0.35 15.71 2.53
CA SER A 64 1.73 15.50 2.99
C SER A 64 1.93 15.24 4.48
N ARG A 65 0.97 15.63 5.30
CA ARG A 65 1.11 15.44 6.74
C ARG A 65 -0.14 14.79 7.31
N LEU A 66 0.06 14.08 8.41
CA LEU A 66 -1.00 13.34 9.06
C LEU A 66 -2.12 14.22 9.59
N ASN A 67 -1.76 15.34 10.22
CA ASN A 67 -2.76 16.25 10.77
C ASN A 67 -2.60 17.69 10.29
N SER A 68 -2.46 17.87 8.98
CA SER A 68 -2.33 19.19 8.40
C SER A 68 -2.94 19.19 7.00
N ASN A 69 -3.58 20.30 6.63
CA ASN A 69 -4.18 20.40 5.31
C ASN A 69 -3.16 20.97 4.35
N THR A 70 -2.55 20.09 3.58
CA THR A 70 -1.53 20.43 2.61
C THR A 70 -2.19 21.18 1.45
N GLN A 71 -1.59 22.29 1.03
CA GLN A 71 -2.15 23.05 -0.09
C GLN A 71 -2.21 22.17 -1.32
N GLY A 72 -3.42 22.07 -1.89
CA GLY A 72 -3.61 21.25 -3.08
C GLY A 72 -4.29 19.92 -2.83
N GLU A 73 -4.51 19.55 -1.56
CA GLU A 73 -5.16 18.27 -1.29
C GLU A 73 -6.64 18.28 -1.69
N MET A 74 -7.21 17.09 -1.85
CA MET A 74 -8.61 16.89 -2.19
C MET A 74 -9.14 15.76 -1.28
N LYS A 75 -10.33 15.97 -0.72
CA LYS A 75 -10.96 15.03 0.18
C LYS A 75 -12.10 14.23 -0.50
N PHE A 76 -12.20 12.94 -0.24
CA PHE A 76 -13.25 12.10 -0.85
C PHE A 76 -13.89 11.09 0.10
N GLU A 77 -15.01 10.52 -0.35
CA GLU A 77 -15.73 9.49 0.37
C GLU A 77 -15.71 8.28 -0.56
N VAL A 78 -16.08 7.11 -0.04
CA VAL A 78 -16.09 5.88 -0.84
C VAL A 78 -17.47 5.45 -1.39
N GLU A 79 -17.62 5.56 -2.71
CA GLU A 79 -18.84 5.20 -3.43
C GLU A 79 -19.10 3.70 -3.54
N ASN A 80 -18.03 2.91 -3.63
CA ASN A 80 -18.16 1.44 -3.74
C ASN A 80 -16.91 0.83 -3.13
N LEU A 81 -17.08 -0.08 -2.18
CA LEU A 81 -15.97 -0.75 -1.54
C LEU A 81 -16.04 -2.21 -1.96
N ILE A 82 -15.08 -2.64 -2.78
CA ILE A 82 -15.02 -4.01 -3.30
C ILE A 82 -13.87 -4.77 -2.66
N LEU A 83 -14.19 -5.87 -1.98
CA LEU A 83 -13.18 -6.67 -1.34
C LEU A 83 -13.09 -7.99 -2.12
N HIS A 84 -11.93 -8.63 -2.10
CA HIS A 84 -11.77 -9.88 -2.84
C HIS A 84 -12.53 -11.01 -2.13
N LYS A 85 -13.44 -11.62 -2.87
CA LYS A 85 -14.27 -12.69 -2.34
C LYS A 85 -13.57 -13.96 -1.84
N ASP A 86 -12.29 -14.11 -2.16
CA ASP A 86 -11.51 -15.27 -1.70
C ASP A 86 -10.42 -14.91 -0.67
N TYR A 87 -10.53 -13.74 -0.05
CA TYR A 87 -9.55 -13.33 0.96
C TYR A 87 -9.59 -14.17 2.24
N SER A 88 -8.42 -14.46 2.81
CA SER A 88 -8.33 -15.21 4.07
C SER A 88 -7.03 -14.78 4.79
N ALA A 89 -6.97 -15.01 6.10
CA ALA A 89 -5.78 -14.66 6.87
C ALA A 89 -5.35 -15.82 7.78
N ASP A 90 -4.07 -16.17 7.71
CA ASP A 90 -3.56 -17.24 8.56
C ASP A 90 -2.72 -16.59 9.67
N THR A 91 -1.89 -17.36 10.36
CA THR A 91 -1.08 -16.84 11.45
C THR A 91 -0.27 -15.59 11.05
N LEU A 92 0.35 -15.64 9.88
CA LEU A 92 1.14 -14.50 9.41
C LEU A 92 0.72 -14.03 8.02
N ALA A 93 0.56 -14.97 7.10
CA ALA A 93 0.20 -14.66 5.72
C ALA A 93 -1.26 -14.25 5.49
N HIS A 94 -1.45 -13.39 4.50
CA HIS A 94 -2.76 -12.91 4.08
C HIS A 94 -2.94 -13.30 2.62
N HIS A 95 -4.09 -13.88 2.29
CA HIS A 95 -4.38 -14.34 0.93
C HIS A 95 -5.32 -13.43 0.16
N ASN A 96 -5.06 -13.26 -1.13
CA ASN A 96 -5.88 -12.39 -1.96
C ASN A 96 -6.09 -11.09 -1.19
N ASP A 97 -4.99 -10.47 -0.77
CA ASP A 97 -5.05 -9.22 0.01
C ASP A 97 -5.06 -8.04 -0.95
N ILE A 98 -6.23 -7.77 -1.52
CA ILE A 98 -6.38 -6.71 -2.49
C ILE A 98 -7.82 -6.21 -2.44
N ALA A 99 -8.00 -4.90 -2.55
CA ALA A 99 -9.34 -4.29 -2.50
C ALA A 99 -9.42 -3.08 -3.43
N LEU A 100 -10.63 -2.72 -3.83
CA LEU A 100 -10.87 -1.58 -4.70
C LEU A 100 -11.84 -0.57 -4.04
N LEU A 101 -11.51 0.72 -4.12
CA LEU A 101 -12.36 1.76 -3.57
C LEU A 101 -12.71 2.78 -4.64
N LYS A 102 -13.99 2.89 -4.98
CA LYS A 102 -14.38 3.88 -5.97
C LYS A 102 -14.61 5.17 -5.18
N ILE A 103 -13.86 6.22 -5.53
CA ILE A 103 -13.96 7.50 -4.83
C ILE A 103 -14.84 8.53 -5.50
N ARG A 104 -15.44 9.39 -4.68
CA ARG A 104 -16.34 10.43 -5.13
C ARG A 104 -16.26 11.59 -4.13
N SER A 105 -16.23 12.82 -4.63
CA SER A 105 -16.19 13.99 -3.76
C SER A 105 -17.64 14.32 -3.43
N LYS A 106 -17.86 15.27 -2.51
CA LYS A 106 -19.24 15.64 -2.15
C LYS A 106 -20.05 16.14 -3.35
N GLU A 107 -19.38 16.62 -4.39
CA GLU A 107 -20.06 17.08 -5.60
C GLU A 107 -20.32 15.92 -6.56
N GLY A 108 -19.84 14.73 -6.22
CA GLY A 108 -20.05 13.55 -7.05
C GLY A 108 -19.02 13.30 -8.13
N ARG A 109 -17.85 13.92 -8.03
CA ARG A 109 -16.81 13.75 -9.04
C ARG A 109 -15.64 12.88 -8.58
N CYS A 110 -14.88 12.38 -9.55
CA CYS A 110 -13.70 11.59 -9.25
C CYS A 110 -12.53 12.56 -9.10
N ALA A 111 -11.32 12.03 -8.88
CA ALA A 111 -10.15 12.88 -8.70
C ALA A 111 -9.81 13.76 -9.91
N GLN A 112 -9.15 14.88 -9.63
CA GLN A 112 -8.73 15.84 -10.66
C GLN A 112 -7.21 15.92 -10.67
N PRO A 113 -6.57 15.26 -11.66
CA PRO A 113 -5.11 15.23 -11.83
C PRO A 113 -4.42 16.60 -11.77
N SER A 114 -3.36 16.69 -10.95
CA SER A 114 -2.60 17.94 -10.82
C SER A 114 -1.14 17.62 -10.47
N ARG A 115 -0.35 18.65 -10.19
CA ARG A 115 1.06 18.44 -9.87
C ARG A 115 1.26 17.49 -8.67
N THR A 116 0.34 17.51 -7.71
CA THR A 116 0.47 16.65 -6.53
C THR A 116 -0.52 15.48 -6.47
N ILE A 117 -1.28 15.29 -7.55
CA ILE A 117 -2.25 14.19 -7.61
C ILE A 117 -2.19 13.51 -8.98
N GLN A 118 -1.67 12.29 -9.03
CA GLN A 118 -1.51 11.54 -10.27
C GLN A 118 -1.74 10.04 -10.04
N THR A 119 -2.02 9.30 -11.11
CA THR A 119 -2.24 7.85 -11.02
C THR A 119 -0.91 7.12 -11.27
N ILE A 120 -0.86 5.84 -10.91
CA ILE A 120 0.32 5.01 -11.21
C ILE A 120 -0.17 3.90 -12.13
N CYS A 121 0.70 3.44 -13.02
CA CYS A 121 0.34 2.40 -13.98
C CYS A 121 0.41 0.96 -13.46
N LEU A 122 -0.56 0.13 -13.84
CA LEU A 122 -0.55 -1.28 -13.45
C LEU A 122 0.50 -2.03 -14.28
N PRO A 123 0.97 -3.17 -13.77
CA PRO A 123 1.96 -4.00 -14.45
C PRO A 123 1.30 -4.79 -15.59
N SER A 124 2.10 -5.49 -16.39
CA SER A 124 1.53 -6.30 -17.47
C SER A 124 1.65 -7.80 -17.17
N MET A 125 0.80 -8.61 -17.81
CA MET A 125 0.80 -10.07 -17.61
C MET A 125 2.16 -10.73 -17.81
N TYR A 126 2.53 -11.57 -16.84
CA TYR A 126 3.79 -12.31 -16.85
C TYR A 126 5.02 -11.44 -17.08
N ASN A 127 5.08 -10.29 -16.43
CA ASN A 127 6.23 -9.40 -16.62
C ASN A 127 6.56 -8.62 -15.33
N ASP A 128 7.13 -9.30 -14.35
CA ASP A 128 7.53 -8.68 -13.09
C ASP A 128 9.05 -8.52 -13.06
N PRO A 129 9.56 -7.49 -12.38
CA PRO A 129 11.00 -7.27 -12.31
C PRO A 129 11.74 -8.43 -11.63
N GLN A 130 12.99 -8.65 -12.04
CA GLN A 130 13.84 -9.72 -11.51
C GLN A 130 14.25 -9.48 -10.07
N PHE A 131 14.56 -10.56 -9.35
CA PHE A 131 14.99 -10.42 -7.95
C PHE A 131 16.24 -9.52 -7.94
N GLY A 132 16.40 -8.73 -6.89
CA GLY A 132 17.54 -7.84 -6.78
C GLY A 132 17.23 -6.39 -7.17
N THR A 133 16.07 -6.19 -7.80
CA THR A 133 15.63 -4.86 -8.24
C THR A 133 15.25 -3.97 -7.05
N SER A 134 15.76 -2.74 -7.04
CA SER A 134 15.44 -1.80 -5.99
C SER A 134 14.12 -1.11 -6.35
N CYS A 135 13.20 -1.05 -5.38
CA CYS A 135 11.92 -0.40 -5.59
C CYS A 135 11.64 0.45 -4.36
N GLU A 136 10.65 1.34 -4.43
CA GLU A 136 10.34 2.19 -3.28
C GLU A 136 8.98 1.98 -2.66
N ILE A 137 8.91 2.25 -1.36
CA ILE A 137 7.68 2.15 -0.59
C ILE A 137 7.48 3.46 0.14
N THR A 138 6.23 3.81 0.41
CA THR A 138 5.92 5.06 1.08
C THR A 138 4.74 4.87 2.03
N GLY A 139 4.71 5.62 3.12
CA GLY A 139 3.61 5.52 4.07
C GLY A 139 3.78 6.33 5.34
N PHE A 140 2.69 6.47 6.09
CA PHE A 140 2.68 7.18 7.36
C PHE A 140 2.84 6.20 8.54
N GLY A 141 3.38 5.01 8.28
CA GLY A 141 3.57 4.00 9.32
C GLY A 141 4.69 4.21 10.35
N LYS A 142 4.66 3.37 11.38
CA LYS A 142 5.63 3.44 12.48
C LYS A 142 7.10 3.57 12.09
N GLU A 143 7.81 4.42 12.83
CA GLU A 143 9.24 4.62 12.61
C GLU A 143 10.05 3.55 13.38
N ASN A 144 9.41 2.97 14.39
CA ASN A 144 10.00 1.89 15.19
C ASN A 144 8.85 1.02 15.67
N SER A 145 9.14 -0.25 15.93
CA SER A 145 8.11 -1.19 16.37
C SER A 145 7.50 -0.80 17.72
N THR A 146 8.32 -0.19 18.57
CA THR A 146 7.84 0.20 19.89
C THR A 146 7.10 1.53 19.94
N ASP A 147 7.00 2.24 18.81
CA ASP A 147 6.24 3.49 18.77
C ASP A 147 4.74 3.20 18.75
N TYR A 148 3.94 3.99 19.46
CA TYR A 148 2.50 3.77 19.39
C TYR A 148 1.85 4.85 18.52
N LEU A 149 2.59 5.92 18.22
CA LEU A 149 2.10 6.99 17.37
C LEU A 149 2.78 6.86 16.03
N TYR A 150 2.14 7.38 14.99
CA TYR A 150 2.70 7.35 13.65
C TYR A 150 3.41 8.70 13.44
N PRO A 151 4.39 8.75 12.52
CA PRO A 151 5.08 10.02 12.28
C PRO A 151 4.14 11.04 11.65
N GLU A 152 4.33 12.30 12.00
CA GLU A 152 3.51 13.40 11.48
C GLU A 152 3.79 13.67 9.99
N GLN A 153 5.04 13.49 9.56
CA GLN A 153 5.40 13.72 8.17
C GLN A 153 5.57 12.41 7.40
N LEU A 154 5.08 12.40 6.16
CA LEU A 154 5.16 11.23 5.28
C LEU A 154 6.62 10.79 5.09
N LYS A 155 6.84 9.48 5.00
CA LYS A 155 8.19 8.94 4.80
C LYS A 155 8.24 7.97 3.61
N MET A 156 9.45 7.62 3.17
CA MET A 156 9.66 6.70 2.05
C MET A 156 11.03 6.05 2.23
N THR A 157 11.23 4.91 1.58
CA THR A 157 12.51 4.20 1.62
C THR A 157 12.62 3.30 0.38
N VAL A 158 13.79 2.71 0.20
CA VAL A 158 14.06 1.82 -0.92
C VAL A 158 14.53 0.48 -0.38
N VAL A 159 13.97 -0.61 -0.91
CA VAL A 159 14.32 -1.97 -0.54
C VAL A 159 14.44 -2.80 -1.84
N LYS A 160 14.92 -4.04 -1.73
CA LYS A 160 15.04 -4.85 -2.94
C LYS A 160 14.28 -6.16 -2.94
N LEU A 161 13.86 -6.59 -4.12
CA LEU A 161 13.09 -7.81 -4.31
C LEU A 161 13.87 -9.10 -4.05
N ILE A 162 13.21 -10.05 -3.40
CA ILE A 162 13.79 -11.35 -3.08
C ILE A 162 13.01 -12.43 -3.85
N SER A 163 13.72 -13.41 -4.41
CA SER A 163 13.09 -14.48 -5.17
C SER A 163 12.14 -15.33 -4.33
N HIS A 164 11.20 -16.02 -4.99
CA HIS A 164 10.26 -16.88 -4.30
C HIS A 164 10.98 -18.01 -3.59
N ARG A 165 11.97 -18.62 -4.23
CA ARG A 165 12.66 -19.72 -3.59
C ARG A 165 13.49 -19.29 -2.38
N GLU A 166 14.07 -18.09 -2.42
CA GLU A 166 14.84 -17.61 -1.27
C GLU A 166 13.88 -17.28 -0.13
N CYS A 167 12.71 -16.76 -0.49
CA CYS A 167 11.74 -16.40 0.53
C CYS A 167 11.07 -17.63 1.16
N GLN A 168 11.11 -18.78 0.46
CA GLN A 168 10.55 -20.03 0.97
C GLN A 168 11.54 -20.86 1.81
N GLN A 169 12.76 -20.36 1.99
CA GLN A 169 13.77 -21.05 2.80
C GLN A 169 13.21 -21.16 4.22
N PRO A 170 13.66 -22.17 4.98
CA PRO A 170 13.18 -22.36 6.35
C PRO A 170 13.30 -21.16 7.30
N HIS A 171 14.44 -20.47 7.30
CA HIS A 171 14.62 -19.30 8.18
C HIS A 171 13.87 -18.04 7.73
N TYR A 172 13.30 -18.06 6.53
CA TYR A 172 12.52 -16.94 6.04
C TYR A 172 11.03 -17.28 6.28
N TYR A 173 10.26 -17.58 5.23
CA TYR A 173 8.85 -17.91 5.43
C TYR A 173 8.34 -19.29 4.97
N GLY A 174 9.25 -20.19 4.61
CA GLY A 174 8.86 -21.52 4.18
C GLY A 174 7.71 -21.54 3.18
N SER A 175 6.81 -22.52 3.34
CA SER A 175 5.66 -22.64 2.44
C SER A 175 4.53 -21.65 2.76
N GLU A 176 4.75 -20.77 3.73
CA GLU A 176 3.75 -19.79 4.11
C GLU A 176 3.60 -18.67 3.07
N VAL A 177 4.63 -18.44 2.26
CA VAL A 177 4.54 -17.43 1.21
C VAL A 177 4.32 -18.23 -0.09
N THR A 178 3.39 -17.79 -0.93
CA THR A 178 3.05 -18.51 -2.18
C THR A 178 3.49 -17.75 -3.44
N THR A 179 3.25 -18.35 -4.61
CA THR A 179 3.64 -17.72 -5.88
C THR A 179 2.83 -16.48 -6.23
N LYS A 180 1.79 -16.17 -5.46
CA LYS A 180 0.99 -14.97 -5.71
C LYS A 180 1.46 -13.78 -4.86
N MET A 181 2.56 -13.95 -4.12
CA MET A 181 3.10 -12.91 -3.24
C MET A 181 4.55 -12.62 -3.61
N LEU A 182 5.03 -11.43 -3.28
CA LEU A 182 6.42 -11.01 -3.56
C LEU A 182 7.12 -10.55 -2.28
N CYS A 183 8.38 -10.95 -2.10
CA CYS A 183 9.14 -10.53 -0.93
C CYS A 183 10.15 -9.43 -1.29
N ALA A 184 10.40 -8.52 -0.36
CA ALA A 184 11.36 -7.43 -0.57
C ALA A 184 11.91 -6.94 0.78
N ALA A 185 13.20 -6.59 0.82
CA ALA A 185 13.81 -6.11 2.05
C ALA A 185 15.18 -5.46 1.88
N ASP A 186 15.74 -5.00 3.01
CA ASP A 186 17.05 -4.37 3.06
C ASP A 186 18.09 -5.43 3.44
N PRO A 187 19.15 -5.60 2.62
CA PRO A 187 20.18 -6.60 2.95
C PRO A 187 20.78 -6.40 4.35
N GLN A 188 20.82 -5.16 4.83
CA GLN A 188 21.34 -4.85 6.17
C GLN A 188 20.24 -4.80 7.24
N TRP A 189 19.01 -5.11 6.85
CA TRP A 189 17.86 -5.11 7.76
C TRP A 189 17.74 -3.87 8.66
N LYS A 190 18.04 -2.69 8.09
CA LYS A 190 17.95 -1.44 8.83
C LYS A 190 16.70 -0.64 8.46
N THR A 191 16.18 -0.86 7.25
CA THR A 191 14.98 -0.13 6.79
C THR A 191 13.89 -1.08 6.27
N ASP A 192 12.63 -0.66 6.37
CA ASP A 192 11.52 -1.54 5.97
C ASP A 192 10.14 -0.88 6.20
N SER A 193 9.07 -1.49 5.71
CA SER A 193 7.74 -0.95 5.96
C SER A 193 7.30 -1.54 7.30
N CYS A 194 6.24 -1.00 7.89
CA CYS A 194 5.79 -1.48 9.20
C CYS A 194 4.30 -1.19 9.36
N GLN A 195 3.72 -1.61 10.49
CA GLN A 195 2.31 -1.39 10.76
C GLN A 195 1.97 0.08 10.48
N GLY A 196 0.89 0.31 9.76
CA GLY A 196 0.50 1.67 9.39
C GLY A 196 0.75 1.90 7.91
N ASP A 197 1.70 1.17 7.33
CA ASP A 197 2.01 1.30 5.92
C ASP A 197 1.20 0.35 5.01
N SER A 198 0.49 -0.61 5.61
CA SER A 198 -0.29 -1.57 4.83
C SER A 198 -1.18 -0.94 3.76
N GLY A 199 -1.27 -1.62 2.62
CA GLY A 199 -2.11 -1.14 1.54
C GLY A 199 -1.41 -0.15 0.63
N GLY A 200 -0.24 0.32 1.05
CA GLY A 200 0.51 1.27 0.26
C GLY A 200 1.23 0.65 -0.93
N PRO A 201 1.76 1.50 -1.82
CA PRO A 201 2.49 1.14 -3.05
C PRO A 201 3.94 0.67 -2.96
N LEU A 202 4.25 -0.39 -3.71
CA LEU A 202 5.60 -0.89 -3.86
C LEU A 202 5.75 -0.55 -5.34
N VAL A 203 6.50 0.49 -5.64
CA VAL A 203 6.68 0.94 -7.00
C VAL A 203 8.05 0.56 -7.53
N CYS A 204 8.07 -0.15 -8.66
CA CYS A 204 9.33 -0.57 -9.26
C CYS A 204 9.48 0.03 -10.64
N SER A 205 10.68 0.49 -10.95
CA SER A 205 10.94 1.04 -12.28
C SER A 205 11.25 -0.18 -13.14
N LEU A 206 10.42 -0.42 -14.14
CA LEU A 206 10.60 -1.58 -14.99
C LEU A 206 10.59 -1.23 -16.47
N GLN A 207 11.67 -1.58 -17.15
CA GLN A 207 11.79 -1.32 -18.57
C GLN A 207 11.44 0.13 -18.92
N GLY A 208 11.73 1.05 -17.99
CA GLY A 208 11.45 2.46 -18.23
C GLY A 208 10.34 3.13 -17.44
N ARG A 209 9.19 2.48 -17.29
CA ARG A 209 8.06 3.08 -16.57
C ARG A 209 7.95 2.62 -15.11
N MET A 210 7.46 3.50 -14.25
CA MET A 210 7.27 3.18 -12.85
C MET A 210 5.97 2.37 -12.87
N THR A 211 5.95 1.24 -12.17
CA THR A 211 4.79 0.36 -12.13
C THR A 211 4.37 0.03 -10.70
N LEU A 212 3.07 -0.20 -10.50
CA LEU A 212 2.57 -0.59 -9.19
C LEU A 212 2.79 -2.10 -9.17
N THR A 213 3.97 -2.51 -8.73
CA THR A 213 4.32 -3.92 -8.69
C THR A 213 3.76 -4.66 -7.48
N GLY A 214 3.63 -3.98 -6.34
CA GLY A 214 3.10 -4.64 -5.17
C GLY A 214 2.28 -3.76 -4.25
N ILE A 215 1.58 -4.41 -3.33
CA ILE A 215 0.76 -3.75 -2.33
C ILE A 215 1.26 -4.22 -0.96
N VAL A 216 1.67 -3.30 -0.09
CA VAL A 216 2.16 -3.67 1.24
C VAL A 216 1.11 -4.56 1.90
N SER A 217 1.50 -5.79 2.28
CA SER A 217 0.56 -6.74 2.86
C SER A 217 0.84 -7.29 4.26
N TRP A 218 1.94 -8.01 4.46
CA TRP A 218 2.28 -8.57 5.77
C TRP A 218 3.78 -8.78 5.98
N GLY A 219 4.14 -9.16 7.21
CA GLY A 219 5.52 -9.41 7.55
C GLY A 219 5.72 -9.69 9.03
N ARG A 220 6.75 -10.46 9.38
CA ARG A 220 7.03 -10.77 10.78
C ARG A 220 7.88 -9.68 11.40
N GLY A 221 7.25 -8.83 12.21
CA GLY A 221 7.97 -7.74 12.83
C GLY A 221 8.25 -6.71 11.76
N CYS A 222 9.14 -5.77 12.05
CA CYS A 222 9.51 -4.73 11.11
C CYS A 222 11.03 -4.56 11.12
N ALA A 223 11.66 -4.80 9.97
CA ALA A 223 13.10 -4.70 9.82
C ALA A 223 13.86 -5.73 10.66
N LEU A 224 13.39 -6.97 10.67
CA LEU A 224 14.03 -8.03 11.42
C LEU A 224 14.80 -8.96 10.48
N LYS A 225 15.95 -9.46 10.95
CA LYS A 225 16.79 -10.35 10.14
C LYS A 225 16.00 -11.52 9.56
N ASP A 226 16.25 -11.81 8.28
CA ASP A 226 15.60 -12.88 7.51
C ASP A 226 14.07 -12.87 7.45
N LYS A 227 13.46 -11.73 7.70
CA LYS A 227 12.01 -11.60 7.67
C LYS A 227 11.63 -10.41 6.78
N PRO A 228 11.58 -10.62 5.45
CA PRO A 228 11.25 -9.56 4.50
C PRO A 228 9.79 -9.10 4.56
N GLY A 229 9.51 -7.95 3.95
CA GLY A 229 8.15 -7.47 3.87
C GLY A 229 7.54 -8.31 2.76
N VAL A 230 6.25 -8.64 2.87
CA VAL A 230 5.57 -9.46 1.86
C VAL A 230 4.51 -8.58 1.19
N TYR A 231 4.42 -8.70 -0.13
CA TYR A 231 3.51 -7.86 -0.94
C TYR A 231 2.63 -8.65 -1.91
N THR A 232 1.43 -8.13 -2.15
CA THR A 232 0.52 -8.77 -3.10
C THR A 232 1.09 -8.51 -4.50
N ARG A 233 1.29 -9.57 -5.28
CA ARG A 233 1.83 -9.43 -6.63
C ARG A 233 0.69 -9.02 -7.56
N VAL A 234 0.62 -7.73 -7.84
CA VAL A 234 -0.44 -7.17 -8.69
C VAL A 234 -0.67 -7.82 -10.06
N SER A 235 0.40 -8.22 -10.76
CA SER A 235 0.24 -8.82 -12.08
C SER A 235 -0.69 -10.05 -12.12
N HIS A 236 -0.72 -10.84 -11.07
CA HIS A 236 -1.59 -12.01 -11.06
C HIS A 236 -3.06 -11.62 -11.10
N PHE A 237 -3.40 -10.52 -10.44
CA PHE A 237 -4.78 -10.07 -10.32
C PHE A 237 -5.33 -9.17 -11.44
N LEU A 238 -4.56 -8.92 -12.50
CA LEU A 238 -5.03 -8.10 -13.60
C LEU A 238 -6.45 -8.46 -14.06
N PRO A 239 -6.72 -9.75 -14.32
CA PRO A 239 -8.08 -10.10 -14.74
C PRO A 239 -9.15 -9.68 -13.73
N TRP A 240 -8.84 -9.80 -12.44
CA TRP A 240 -9.77 -9.42 -11.37
C TRP A 240 -9.97 -7.89 -11.31
N ILE A 241 -8.88 -7.14 -11.46
CA ILE A 241 -8.95 -5.68 -11.41
C ILE A 241 -9.77 -5.16 -12.59
N ARG A 242 -9.62 -5.79 -13.76
CA ARG A 242 -10.34 -5.40 -14.96
C ARG A 242 -11.86 -5.62 -14.86
N SER A 243 -12.26 -6.79 -14.40
CA SER A 243 -13.68 -7.09 -14.30
C SER A 243 -14.38 -6.28 -13.20
N HIS A 244 -13.67 -5.95 -12.13
CA HIS A 244 -14.26 -5.18 -11.04
C HIS A 244 -14.17 -3.65 -11.19
N THR A 245 -13.61 -3.17 -12.29
CA THR A 245 -13.51 -1.73 -12.54
C THR A 245 -14.14 -1.40 -13.89
C1 745 B . 1.21 -5.10 9.93
C2 745 B . 1.56 -4.95 8.55
C3 745 B . 2.92 -5.14 8.14
C4 745 B . 3.92 -5.56 9.14
C5 745 B . 3.50 -5.82 10.50
C6 745 B . 2.14 -5.64 10.89
C10 745 B . 3.35 -4.92 6.79
C11 745 B . 4.71 -5.04 6.43
C12 745 B . 5.69 -5.40 7.40
C13 745 B . 5.26 -5.71 8.73
C17 745 B . 7.10 -5.53 7.04
N18 745 B . 7.53 -4.92 5.97
N19 745 B . 7.93 -6.36 7.66
C23 745 B . 0.00 -4.64 10.61
C24 745 B . -0.94 -5.98 10.53
C25 745 B . -2.33 -6.56 10.79
C26 745 B . -2.74 -7.92 10.96
C27 745 B . -4.14 -8.24 10.87
C28 745 B . -5.07 -7.21 10.66
C29 745 B . -4.70 -5.87 10.77
C30 745 B . -3.35 -5.57 10.84
C7 745 B . -0.93 -5.03 11.71
#